data_2Q66
#
_entry.id   2Q66
#
_cell.length_a   67.633
_cell.length_b   85.907
_cell.length_c   107.469
_cell.angle_alpha   90.00
_cell.angle_beta   90.00
_cell.angle_gamma   90.00
#
_symmetry.space_group_name_H-M   'P 21 21 21'
#
loop_
_entity.id
_entity.type
_entity.pdbx_description
1 polymer "5'-R(P*AP*AP*AP*AP*A)-3'"
2 polymer 'Poly(A) polymerase'
3 non-polymer 1,2-ETHANEDIOL
4 non-polymer 'MAGNESIUM ION'
5 non-polymer "ADENOSINE-5'-TRIPHOSPHATE"
6 water water
#
loop_
_entity_poly.entity_id
_entity_poly.type
_entity_poly.pdbx_seq_one_letter_code
_entity_poly.pdbx_strand_id
1 'polyribonucleotide' AAAAA X
2 'polypeptide(L)'
;KVFGITGPVSTVGATAAENKLNDSLIQELKKEGSFETEQETANRVQVLKILQELAQRFVYEVSKKKNMSDGMARDAGGKI
FTYGSYRLGVHGPGSDIDTLVVVPKHVTREDFFTVFDSLLRERKELDEIAPVPDAFVPIIKIKFSGISIALICARLDQPQ
VPLSLTLSDKNLLRNLDEKDLRALNGTRVTDEILELVPKPNVFRIALRAIKLWAQRRAVYANIFGFPGGVAWAMLVARIC
QLYPNACSAVILNRFFIILSEWNWPQPVILKPIEDGPLQVRVWNPKIYAQDRSHRMPVITPAYPSMCATHNITESTKKVI
LQEFVRGVQITNDIFSNKKSWANLFEKNDFFFRYKFYLEITAYTRGSDEQHLKWSGLVESKVRLLVMKLEVLAGIKIAHP
FTKPFESSYCCPTEDDYEMIQDKYGSHKTETALNALKLVTDENKEEESIKDAPKAYLSTMYIGLDFNIENKKEKVDIHIP
CTEFVNLCRSFNEDYGDHKVFNLALRFVKGYDLPDEVFDENEKRP
;
A
#
# COMPACT_ATOMS: atom_id res chain seq x y z
N LYS B 1 17.61 -29.62 -0.72
CA LYS B 1 16.73 -28.41 -0.80
C LYS B 1 16.45 -27.78 0.57
N VAL B 2 17.40 -26.95 1.03
CA VAL B 2 17.15 -26.09 2.17
C VAL B 2 16.57 -24.76 1.66
N PHE B 3 15.32 -24.51 2.02
CA PHE B 3 14.66 -23.23 1.76
C PHE B 3 14.43 -22.51 3.08
N GLY B 4 15.17 -21.42 3.31
CA GLY B 4 15.01 -20.65 4.55
C GLY B 4 16.05 -20.99 5.61
N ILE B 5 15.86 -20.44 6.80
CA ILE B 5 16.89 -20.47 7.84
C ILE B 5 16.73 -21.59 8.86
N THR B 6 15.70 -22.42 8.69
CA THR B 6 15.53 -23.61 9.52
C THR B 6 15.14 -24.76 8.61
N GLY B 7 15.11 -25.96 9.15
CA GLY B 7 14.50 -27.08 8.43
C GLY B 7 12.97 -26.91 8.42
N PRO B 8 12.28 -27.80 7.73
CA PRO B 8 10.83 -27.74 7.67
C PRO B 8 10.16 -28.15 8.98
N VAL B 9 8.97 -27.61 9.23
CA VAL B 9 8.12 -28.13 10.30
C VAL B 9 7.61 -29.53 9.91
N SER B 10 7.22 -29.70 8.65
CA SER B 10 6.72 -31.00 8.18
C SER B 10 6.95 -31.19 6.68
N THR B 11 7.42 -32.39 6.29
CA THR B 11 7.58 -32.72 4.87
C THR B 11 6.42 -33.57 4.35
N VAL B 12 5.40 -33.77 5.17
CA VAL B 12 4.22 -34.56 4.80
C VAL B 12 3.51 -33.90 3.59
N GLY B 13 3.14 -34.71 2.60
CA GLY B 13 2.44 -34.21 1.41
C GLY B 13 0.93 -34.18 1.57
N ALA B 14 0.24 -33.63 0.56
CA ALA B 14 -1.19 -33.41 0.64
C ALA B 14 -1.96 -34.73 0.47
N THR B 15 -3.04 -34.86 1.23
CA THR B 15 -3.93 -36.01 1.10
C THR B 15 -4.97 -35.72 0.02
N ALA B 16 -5.73 -36.76 -0.35
CA ALA B 16 -6.85 -36.58 -1.26
C ALA B 16 -7.82 -35.51 -0.75
N ALA B 17 -8.18 -35.57 0.53
CA ALA B 17 -9.14 -34.62 1.11
C ALA B 17 -8.61 -33.18 1.07
N GLU B 18 -7.32 -33.01 1.33
CA GLU B 18 -6.70 -31.69 1.31
C GLU B 18 -6.64 -31.14 -0.13
N ASN B 19 -6.26 -32.00 -1.07
CA ASN B 19 -6.20 -31.61 -2.48
C ASN B 19 -7.56 -31.21 -3.05
N LYS B 20 -8.63 -31.86 -2.58
CA LYS B 20 -9.99 -31.50 -2.91
C LYS B 20 -10.32 -30.08 -2.40
N LEU B 21 -9.88 -29.79 -1.17
CA LEU B 21 -10.10 -28.46 -0.59
C LEU B 21 -9.23 -27.41 -1.30
N ASN B 22 -8.08 -27.85 -1.82
CA ASN B 22 -7.22 -26.97 -2.61
C ASN B 22 -7.90 -26.61 -3.93
N ASP B 23 -8.48 -27.62 -4.59
CA ASP B 23 -9.24 -27.37 -5.82
C ASP B 23 -10.38 -26.39 -5.57
N SER B 24 -11.12 -26.59 -4.47
CA SER B 24 -12.25 -25.72 -4.09
CA SER B 24 -12.24 -25.71 -4.15
C SER B 24 -11.79 -24.30 -3.73
N LEU B 25 -10.60 -24.21 -3.13
CA LEU B 25 -10.03 -22.90 -2.81
C LEU B 25 -9.79 -22.12 -4.10
N ILE B 26 -9.14 -22.77 -5.08
CA ILE B 26 -8.83 -22.12 -6.35
C ILE B 26 -10.12 -21.65 -7.03
N GLN B 27 -11.15 -22.50 -7.00
CA GLN B 27 -12.44 -22.12 -7.59
C GLN B 27 -13.08 -20.92 -6.89
N GLU B 28 -12.97 -20.85 -5.56
CA GLU B 28 -13.45 -19.67 -4.82
C GLU B 28 -12.66 -18.41 -5.19
N LEU B 29 -11.33 -18.54 -5.32
CA LEU B 29 -10.50 -17.41 -5.80
C LEU B 29 -10.99 -16.86 -7.14
N LYS B 30 -11.19 -17.77 -8.10
CA LYS B 30 -11.74 -17.39 -9.41
C LYS B 30 -13.09 -16.67 -9.29
N LYS B 31 -14.01 -17.27 -8.53
CA LYS B 31 -15.35 -16.72 -8.31
C LYS B 31 -15.30 -15.33 -7.69
N GLU B 32 -14.33 -15.13 -6.78
CA GLU B 32 -14.20 -13.86 -6.07
C GLU B 32 -13.38 -12.81 -6.83
N GLY B 33 -12.95 -13.14 -8.05
CA GLY B 33 -12.30 -12.18 -8.94
C GLY B 33 -10.82 -11.96 -8.63
N SER B 34 -10.16 -13.00 -8.14
CA SER B 34 -8.72 -12.90 -7.85
C SER B 34 -7.91 -12.69 -9.14
N PHE B 35 -8.34 -13.34 -10.22
CA PHE B 35 -7.61 -13.34 -11.49
C PHE B 35 -8.25 -12.37 -12.48
N GLU B 36 -7.45 -11.50 -13.08
CA GLU B 36 -7.97 -10.54 -14.05
C GLU B 36 -8.18 -11.24 -15.40
N THR B 37 -8.89 -10.58 -16.30
CA THR B 37 -9.14 -11.17 -17.62
C THR B 37 -7.92 -11.04 -18.54
N GLU B 38 -7.94 -11.79 -19.64
CA GLU B 38 -6.89 -11.66 -20.65
C GLU B 38 -6.79 -10.24 -21.21
N GLN B 39 -7.93 -9.60 -21.46
CA GLN B 39 -7.96 -8.20 -21.91
C GLN B 39 -7.34 -7.27 -20.87
N GLU B 40 -7.64 -7.50 -19.59
CA GLU B 40 -7.10 -6.66 -18.53
C GLU B 40 -5.59 -6.79 -18.50
N THR B 41 -5.09 -8.01 -18.68
CA THR B 41 -3.65 -8.25 -18.75
C THR B 41 -3.02 -7.55 -19.96
N ALA B 42 -3.65 -7.73 -21.12
CA ALA B 42 -3.22 -7.05 -22.34
C ALA B 42 -3.15 -5.53 -22.12
N ASN B 43 -4.12 -4.98 -21.41
CA ASN B 43 -4.13 -3.54 -21.13
C ASN B 43 -2.90 -3.10 -20.33
N ARG B 44 -2.48 -3.94 -19.38
CA ARG B 44 -1.29 -3.67 -18.56
C ARG B 44 -0.01 -3.66 -19.42
N VAL B 45 0.11 -4.66 -20.28
CA VAL B 45 1.29 -4.82 -21.13
C VAL B 45 1.44 -3.63 -22.07
N GLN B 46 0.32 -3.13 -22.61
CA GLN B 46 0.31 -1.93 -23.45
C GLN B 46 0.86 -0.69 -22.69
N VAL B 47 0.41 -0.49 -21.45
CA VAL B 47 0.97 0.58 -20.62
C VAL B 47 2.48 0.43 -20.46
N LEU B 48 2.95 -0.80 -20.22
CA LEU B 48 4.36 -1.06 -20.02
C LEU B 48 5.23 -0.71 -21.27
N LYS B 49 4.67 -0.94 -22.47
CA LYS B 49 5.30 -0.50 -23.72
C LYS B 49 5.54 1.02 -23.75
N ILE B 50 4.50 1.76 -23.40
CA ILE B 50 4.55 3.23 -23.37
C ILE B 50 5.52 3.72 -22.28
N LEU B 51 5.49 3.08 -21.11
CA LEU B 51 6.36 3.51 -20.03
C LEU B 51 7.82 3.32 -20.39
N GLN B 52 8.15 2.24 -21.10
CA GLN B 52 9.50 2.06 -21.60
CA GLN B 52 9.50 2.05 -21.62
C GLN B 52 9.87 3.13 -22.64
N GLU B 53 8.97 3.42 -23.58
CA GLU B 53 9.19 4.50 -24.56
C GLU B 53 9.53 5.82 -23.83
N LEU B 54 8.77 6.13 -22.79
CA LEU B 54 8.90 7.37 -22.03
C LEU B 54 10.19 7.39 -21.23
N ALA B 55 10.56 6.25 -20.66
CA ALA B 55 11.76 6.13 -19.85
C ALA B 55 13.00 6.44 -20.69
N GLN B 56 13.05 5.90 -21.90
CA GLN B 56 14.18 6.13 -22.78
CA GLN B 56 14.15 6.11 -22.83
C GLN B 56 14.22 7.56 -23.32
N ARG B 57 13.06 8.12 -23.63
CA ARG B 57 12.95 9.52 -24.06
C ARG B 57 13.39 10.45 -22.92
N PHE B 58 13.00 10.07 -21.70
CA PHE B 58 13.35 10.79 -20.51
C PHE B 58 14.89 10.89 -20.35
N VAL B 59 15.57 9.75 -20.37
CA VAL B 59 17.03 9.72 -20.26
C VAL B 59 17.73 10.47 -21.43
N TYR B 60 17.19 10.33 -22.63
CA TYR B 60 17.75 11.04 -23.79
C TYR B 60 17.66 12.55 -23.62
N GLU B 61 16.47 13.02 -23.28
CA GLU B 61 16.22 14.47 -23.13
C GLU B 61 17.05 15.11 -22.01
N VAL B 62 17.15 14.41 -20.88
CA VAL B 62 17.99 14.87 -19.75
C VAL B 62 19.46 14.97 -20.17
N SER B 63 19.96 13.92 -20.82
CA SER B 63 21.30 13.86 -21.38
C SER B 63 21.61 15.05 -22.31
N LYS B 64 20.67 15.37 -23.20
CA LYS B 64 20.80 16.51 -24.11
CA LYS B 64 20.81 16.50 -24.11
C LYS B 64 20.82 17.85 -23.37
N LYS B 65 19.96 17.96 -22.35
CA LYS B 65 19.94 19.15 -21.51
C LYS B 65 21.26 19.33 -20.75
N LYS B 66 21.96 18.23 -20.52
CA LYS B 66 23.27 18.27 -19.86
C LYS B 66 24.44 18.31 -20.86
N ASN B 67 24.13 18.93 -22.01
CA ASN B 67 25.09 19.21 -23.09
CA ASN B 67 25.07 19.20 -23.11
C ASN B 67 25.83 17.99 -23.64
N MET B 68 25.19 16.82 -23.61
CA MET B 68 25.77 15.64 -24.23
C MET B 68 25.45 15.62 -25.72
N SER B 69 26.31 14.97 -26.50
CA SER B 69 26.09 14.84 -27.93
C SER B 69 24.87 13.96 -28.21
N ASP B 70 24.25 14.15 -29.37
CA ASP B 70 23.13 13.31 -29.82
C ASP B 70 23.41 11.82 -29.61
N GLY B 71 24.55 11.36 -30.12
CA GLY B 71 24.94 9.96 -30.04
C GLY B 71 25.17 9.46 -28.63
N MET B 72 25.77 10.31 -27.80
CA MET B 72 26.06 9.95 -26.41
C MET B 72 24.77 9.90 -25.58
N ALA B 73 23.84 10.82 -25.88
CA ALA B 73 22.55 10.90 -25.19
C ALA B 73 21.71 9.65 -25.42
N ARG B 74 21.83 9.08 -26.63
CA ARG B 74 21.15 7.84 -26.95
CA ARG B 74 21.16 7.84 -26.96
C ARG B 74 21.77 6.67 -26.21
N ASP B 75 23.10 6.59 -26.27
CA ASP B 75 23.86 5.55 -25.59
C ASP B 75 23.62 5.48 -24.09
N ALA B 76 23.16 6.59 -23.51
CA ALA B 76 22.84 6.66 -22.08
C ALA B 76 21.74 5.65 -21.69
N GLY B 77 20.85 5.36 -22.65
CA GLY B 77 19.87 4.29 -22.50
C GLY B 77 18.74 4.62 -21.55
N GLY B 78 18.59 3.78 -20.52
CA GLY B 78 17.46 3.86 -19.59
C GLY B 78 16.55 2.66 -19.83
N LYS B 79 16.00 2.08 -18.77
CA LYS B 79 15.03 1.00 -18.95
C LYS B 79 14.06 0.94 -17.78
N ILE B 80 13.05 0.07 -17.91
CA ILE B 80 12.14 -0.21 -16.81
C ILE B 80 12.18 -1.69 -16.34
N PHE B 81 11.85 -1.90 -15.08
CA PHE B 81 11.54 -3.24 -14.59
C PHE B 81 10.22 -3.15 -13.86
N THR B 82 9.40 -4.19 -13.99
CA THR B 82 8.26 -4.33 -13.08
C THR B 82 8.80 -4.72 -11.70
N TYR B 83 7.97 -4.53 -10.69
CA TYR B 83 8.15 -5.13 -9.37
C TYR B 83 6.76 -5.29 -8.75
N GLY B 84 6.68 -5.64 -7.47
CA GLY B 84 5.40 -5.83 -6.84
C GLY B 84 4.60 -7.02 -7.37
N SER B 85 3.31 -7.00 -7.08
CA SER B 85 2.48 -8.18 -7.27
C SER B 85 2.30 -8.59 -8.72
N TYR B 86 2.36 -7.63 -9.65
CA TYR B 86 2.31 -7.99 -11.07
C TYR B 86 3.55 -8.79 -11.49
N ARG B 87 4.73 -8.39 -10.99
CA ARG B 87 5.94 -9.17 -11.28
C ARG B 87 5.88 -10.53 -10.60
N LEU B 88 5.38 -10.56 -9.37
CA LEU B 88 5.26 -11.78 -8.58
C LEU B 88 4.22 -12.75 -9.14
N GLY B 89 3.32 -12.23 -9.98
CA GLY B 89 2.23 -12.99 -10.60
C GLY B 89 1.04 -13.29 -9.69
N VAL B 90 0.82 -12.45 -8.69
CA VAL B 90 -0.32 -12.60 -7.77
C VAL B 90 -1.23 -11.35 -7.75
N HIS B 91 -1.12 -10.51 -8.78
CA HIS B 91 -1.96 -9.31 -8.87
C HIS B 91 -3.41 -9.67 -9.22
N GLY B 92 -4.33 -8.81 -8.81
CA GLY B 92 -5.71 -8.92 -9.26
C GLY B 92 -6.10 -7.77 -10.19
N PRO B 93 -7.36 -7.76 -10.62
CA PRO B 93 -7.86 -6.78 -11.59
C PRO B 93 -7.65 -5.34 -11.13
N GLY B 94 -7.77 -5.10 -9.82
CA GLY B 94 -7.62 -3.75 -9.25
C GLY B 94 -6.20 -3.34 -8.86
N SER B 95 -5.25 -4.27 -8.91
CA SER B 95 -3.87 -3.99 -8.46
C SER B 95 -3.18 -2.96 -9.33
N ASP B 96 -2.28 -2.20 -8.74
CA ASP B 96 -1.41 -1.29 -9.51
C ASP B 96 -0.35 -2.06 -10.29
N ILE B 97 0.30 -1.37 -11.22
CA ILE B 97 1.55 -1.87 -11.77
C ILE B 97 2.67 -1.06 -11.13
N ASP B 98 3.53 -1.72 -10.36
CA ASP B 98 4.72 -1.09 -9.83
C ASP B 98 5.83 -1.11 -10.87
N THR B 99 6.29 0.08 -11.24
CA THR B 99 7.25 0.23 -12.33
C THR B 99 8.49 1.01 -11.85
N LEU B 100 9.66 0.40 -11.99
CA LEU B 100 10.94 0.94 -11.59
C LEU B 100 11.63 1.47 -12.84
N VAL B 101 12.02 2.74 -12.81
CA VAL B 101 12.71 3.35 -13.93
C VAL B 101 14.19 3.45 -13.55
N VAL B 102 15.04 2.78 -14.32
CA VAL B 102 16.46 2.74 -14.01
C VAL B 102 17.22 3.68 -14.97
N VAL B 103 17.93 4.64 -14.39
CA VAL B 103 18.57 5.73 -15.15
C VAL B 103 20.04 5.85 -14.78
N PRO B 104 20.89 6.29 -15.73
CA PRO B 104 22.34 6.49 -15.45
C PRO B 104 22.62 7.67 -14.52
N LYS B 105 23.87 7.77 -14.06
CA LYS B 105 24.28 8.68 -12.97
C LYS B 105 23.94 10.15 -13.12
N HIS B 106 23.93 10.64 -14.35
CA HIS B 106 23.68 12.06 -14.62
C HIS B 106 22.20 12.40 -14.65
N VAL B 107 21.34 11.40 -14.46
CA VAL B 107 19.90 11.61 -14.39
C VAL B 107 19.46 11.46 -12.94
N THR B 108 18.94 12.53 -12.36
CA THR B 108 18.62 12.53 -10.93
C THR B 108 17.11 12.52 -10.67
N ARG B 109 16.72 12.47 -9.40
CA ARG B 109 15.30 12.46 -9.09
C ARG B 109 14.62 13.80 -9.34
N GLU B 110 15.38 14.89 -9.26
CA GLU B 110 14.84 16.19 -9.66
C GLU B 110 14.46 16.14 -11.14
N ASP B 111 15.28 15.47 -11.96
CA ASP B 111 14.98 15.24 -13.38
C ASP B 111 13.73 14.39 -13.54
N PHE B 112 13.62 13.37 -12.70
CA PHE B 112 12.49 12.45 -12.72
C PHE B 112 11.20 13.21 -12.42
N PHE B 113 11.24 14.09 -11.42
CA PHE B 113 10.04 14.84 -11.05
C PHE B 113 9.78 16.07 -11.90
N THR B 114 10.70 16.39 -12.82
CA THR B 114 10.46 17.47 -13.77
C THR B 114 10.23 16.93 -15.18
N VAL B 115 11.26 16.35 -15.78
CA VAL B 115 11.22 15.90 -17.18
C VAL B 115 10.27 14.69 -17.36
N PHE B 116 10.45 13.66 -16.55
CA PHE B 116 9.60 12.49 -16.70
C PHE B 116 8.16 12.85 -16.35
N ASP B 117 7.99 13.63 -15.28
CA ASP B 117 6.69 14.18 -14.97
C ASP B 117 6.09 14.87 -16.22
N SER B 118 6.89 15.73 -16.86
CA SER B 118 6.43 16.48 -18.06
C SER B 118 5.97 15.55 -19.18
N LEU B 119 6.73 14.49 -19.39
CA LEU B 119 6.43 13.53 -20.45
C LEU B 119 5.11 12.80 -20.23
N LEU B 120 4.83 12.43 -18.97
CA LEU B 120 3.56 11.80 -18.62
C LEU B 120 2.37 12.71 -18.94
N ARG B 121 2.51 14.00 -18.62
CA ARG B 121 1.44 14.96 -18.80
C ARG B 121 1.11 15.23 -20.26
N GLU B 122 2.01 14.88 -21.18
CA GLU B 122 1.73 15.00 -22.61
C GLU B 122 0.73 13.98 -23.08
N ARG B 123 0.56 12.90 -22.31
CA ARG B 123 -0.21 11.75 -22.77
C ARG B 123 -1.70 11.94 -22.57
N LYS B 124 -2.47 11.75 -23.65
CA LYS B 124 -3.93 11.71 -23.58
C LYS B 124 -4.44 10.63 -22.64
N GLU B 125 -3.66 9.56 -22.48
CA GLU B 125 -4.03 8.43 -21.61
C GLU B 125 -3.94 8.74 -20.12
N LEU B 126 -3.21 9.79 -19.76
CA LEU B 126 -3.05 10.16 -18.33
C LEU B 126 -4.37 10.65 -17.72
N ASP B 127 -4.90 9.89 -16.75
CA ASP B 127 -6.16 10.23 -16.09
C ASP B 127 -5.96 11.06 -14.83
N GLU B 128 -4.93 10.67 -14.07
CA GLU B 128 -4.62 11.26 -12.76
C GLU B 128 -3.12 11.24 -12.56
N ILE B 129 -2.61 12.23 -11.83
CA ILE B 129 -1.22 12.26 -11.44
C ILE B 129 -1.06 12.89 -10.06
N ALA B 130 -0.27 12.23 -9.22
CA ALA B 130 0.04 12.70 -7.88
C ALA B 130 1.50 12.39 -7.55
N PRO B 131 2.40 13.36 -7.79
CA PRO B 131 3.81 13.18 -7.47
C PRO B 131 4.06 13.24 -5.96
N VAL B 132 4.88 12.35 -5.45
CA VAL B 132 5.21 12.36 -4.03
C VAL B 132 6.73 12.32 -3.87
N PRO B 133 7.41 13.45 -4.09
CA PRO B 133 8.86 13.50 -4.10
C PRO B 133 9.50 13.33 -2.73
N ASP B 134 8.72 13.61 -1.68
CA ASP B 134 9.18 13.47 -0.30
CA ASP B 134 9.21 13.46 -0.31
C ASP B 134 8.43 12.32 0.35
N ALA B 135 8.99 11.12 0.20
CA ALA B 135 8.51 9.91 0.84
C ALA B 135 9.78 9.10 1.03
N PHE B 136 9.71 8.11 1.94
CA PHE B 136 10.81 7.16 2.15
C PHE B 136 11.32 6.63 0.80
N VAL B 137 10.39 6.32 -0.10
CA VAL B 137 10.74 6.09 -1.49
CA VAL B 137 10.73 6.10 -1.49
C VAL B 137 9.89 7.02 -2.36
N PRO B 138 10.52 8.05 -2.92
CA PRO B 138 9.81 9.01 -3.75
C PRO B 138 9.12 8.29 -4.90
N ILE B 139 7.94 8.76 -5.24
CA ILE B 139 7.10 8.09 -6.22
C ILE B 139 6.24 9.08 -6.98
N ILE B 140 5.99 8.80 -8.27
CA ILE B 140 4.89 9.43 -8.98
C ILE B 140 3.80 8.39 -9.11
N LYS B 141 2.65 8.68 -8.50
CA LYS B 141 1.46 7.83 -8.64
C LYS B 141 0.63 8.39 -9.79
N ILE B 142 0.23 7.52 -10.72
CA ILE B 142 -0.64 7.91 -11.83
C ILE B 142 -1.75 6.89 -12.06
N LYS B 143 -2.78 7.34 -12.77
CA LYS B 143 -3.75 6.44 -13.38
C LYS B 143 -3.66 6.70 -14.89
N PHE B 144 -3.42 5.63 -15.66
CA PHE B 144 -3.05 5.75 -17.06
C PHE B 144 -3.86 4.70 -17.81
N SER B 145 -4.68 5.14 -18.78
CA SER B 145 -5.62 4.22 -19.44
C SER B 145 -6.40 3.41 -18.40
N GLY B 146 -6.79 4.09 -17.32
CA GLY B 146 -7.61 3.50 -16.27
C GLY B 146 -6.87 2.59 -15.30
N ILE B 147 -5.56 2.40 -15.52
CA ILE B 147 -4.77 1.50 -14.68
C ILE B 147 -3.89 2.30 -13.73
N SER B 148 -3.91 1.93 -12.44
CA SER B 148 -3.02 2.55 -11.45
C SER B 148 -1.58 2.11 -11.67
N ILE B 149 -0.69 3.08 -11.75
CA ILE B 149 0.73 2.84 -11.90
C ILE B 149 1.49 3.54 -10.78
N ALA B 150 2.46 2.83 -10.22
CA ALA B 150 3.36 3.43 -9.25
C ALA B 150 4.74 3.51 -9.88
N LEU B 151 5.26 4.72 -10.01
CA LEU B 151 6.54 4.90 -10.68
C LEU B 151 7.61 5.42 -9.75
N ILE B 152 8.69 4.65 -9.63
CA ILE B 152 9.85 5.06 -8.86
C ILE B 152 11.09 5.04 -9.76
N CYS B 153 12.16 5.66 -9.28
CA CYS B 153 13.33 5.86 -10.12
C CYS B 153 14.62 5.58 -9.37
N ALA B 154 15.46 4.72 -9.94
CA ALA B 154 16.75 4.43 -9.33
C ALA B 154 17.87 4.91 -10.23
N ARG B 155 18.78 5.66 -9.65
CA ARG B 155 19.94 6.16 -10.37
C ARG B 155 21.15 5.29 -10.06
N LEU B 156 21.67 4.65 -11.09
CA LEU B 156 22.85 3.81 -10.99
C LEU B 156 24.13 4.63 -11.16
N ASP B 157 25.23 4.17 -10.57
CA ASP B 157 26.51 4.86 -10.72
C ASP B 157 27.30 4.34 -11.92
N GLN B 158 26.74 4.59 -13.11
CA GLN B 158 27.37 4.25 -14.38
C GLN B 158 26.78 5.16 -15.46
N PRO B 159 27.57 5.47 -16.49
CA PRO B 159 27.14 6.43 -17.53
C PRO B 159 26.01 5.92 -18.46
N GLN B 160 25.82 4.61 -18.54
CA GLN B 160 24.81 4.02 -19.45
C GLN B 160 23.97 2.92 -18.81
N VAL B 161 22.67 2.90 -19.13
CA VAL B 161 21.79 1.79 -18.72
C VAL B 161 21.23 1.08 -19.97
N PRO B 162 21.83 -0.04 -20.36
CA PRO B 162 21.40 -0.75 -21.55
C PRO B 162 20.07 -1.45 -21.28
N LEU B 163 19.31 -1.70 -22.34
CA LEU B 163 18.04 -2.42 -22.21
C LEU B 163 18.19 -3.82 -21.63
N SER B 164 19.36 -4.42 -21.85
CA SER B 164 19.65 -5.78 -21.41
C SER B 164 20.11 -5.90 -19.95
N LEU B 165 20.26 -4.76 -19.26
CA LEU B 165 20.73 -4.73 -17.87
C LEU B 165 19.84 -5.56 -16.92
N THR B 166 20.47 -6.40 -16.10
CA THR B 166 19.78 -7.08 -15.00
C THR B 166 20.31 -6.57 -13.66
N LEU B 167 19.64 -6.94 -12.56
CA LEU B 167 19.94 -6.38 -11.25
C LEU B 167 20.53 -7.40 -10.28
N SER B 168 21.02 -8.51 -10.84
CA SER B 168 21.57 -9.61 -10.07
CA SER B 168 21.57 -9.62 -10.06
C SER B 168 22.91 -9.27 -9.41
N ASP B 169 23.69 -8.41 -10.06
CA ASP B 169 25.03 -8.04 -9.59
C ASP B 169 24.98 -7.05 -8.41
N LYS B 170 25.35 -7.53 -7.23
CA LYS B 170 25.35 -6.73 -6.00
C LYS B 170 26.28 -5.52 -6.05
N ASN B 171 27.27 -5.57 -6.93
CA ASN B 171 28.18 -4.45 -7.20
C ASN B 171 27.47 -3.18 -7.65
N LEU B 172 26.31 -3.34 -8.29
CA LEU B 172 25.48 -2.21 -8.76
C LEU B 172 24.96 -1.36 -7.60
N LEU B 173 24.93 -1.95 -6.40
CA LEU B 173 24.42 -1.28 -5.21
C LEU B 173 25.45 -0.43 -4.48
N ARG B 174 26.72 -0.54 -4.87
CA ARG B 174 27.82 0.17 -4.20
C ARG B 174 27.63 1.68 -4.11
N ASN B 175 27.74 2.20 -2.89
CA ASN B 175 27.71 3.65 -2.62
C ASN B 175 26.40 4.39 -2.99
N LEU B 176 25.37 3.64 -3.37
CA LEU B 176 24.10 4.24 -3.78
C LEU B 176 23.37 4.92 -2.62
N ASP B 177 22.69 6.04 -2.93
CA ASP B 177 21.76 6.66 -1.99
C ASP B 177 20.77 5.63 -1.48
N GLU B 178 20.31 5.82 -0.23
CA GLU B 178 19.38 4.90 0.41
CA GLU B 178 19.39 4.89 0.40
CA GLU B 178 19.38 4.91 0.42
C GLU B 178 18.08 4.75 -0.39
N LYS B 179 17.59 5.88 -0.91
CA LYS B 179 16.35 5.92 -1.69
C LYS B 179 16.43 5.11 -3.00
N ASP B 180 17.61 5.09 -3.62
CA ASP B 180 17.86 4.33 -4.86
CA ASP B 180 17.72 4.32 -4.86
C ASP B 180 18.05 2.84 -4.60
N LEU B 181 18.65 2.52 -3.45
CA LEU B 181 18.84 1.12 -3.02
C LEU B 181 17.47 0.47 -2.80
N ARG B 182 16.60 1.19 -2.11
CA ARG B 182 15.23 0.75 -1.86
C ARG B 182 14.50 0.56 -3.17
N ALA B 183 14.67 1.53 -4.08
CA ALA B 183 14.07 1.47 -5.41
C ALA B 183 14.47 0.21 -6.18
N LEU B 184 15.77 -0.04 -6.31
CA LEU B 184 16.25 -1.22 -7.03
C LEU B 184 15.80 -2.51 -6.35
N ASN B 185 15.69 -2.46 -5.02
CA ASN B 185 15.29 -3.64 -4.28
C ASN B 185 13.81 -3.98 -4.41
N GLY B 186 13.00 -3.11 -4.99
CA GLY B 186 11.63 -3.48 -5.32
C GLY B 186 11.66 -4.72 -6.22
N THR B 187 12.40 -4.60 -7.32
CA THR B 187 12.58 -5.70 -8.27
C THR B 187 13.35 -6.88 -7.68
N ARG B 188 14.47 -6.61 -7.02
CA ARG B 188 15.31 -7.69 -6.47
C ARG B 188 14.57 -8.53 -5.43
N VAL B 189 13.75 -7.87 -4.60
CA VAL B 189 13.01 -8.57 -3.54
C VAL B 189 12.00 -9.55 -4.13
N THR B 190 11.19 -9.08 -5.09
CA THR B 190 10.25 -9.98 -5.79
C THR B 190 10.94 -11.23 -6.34
N ASP B 191 12.05 -11.03 -7.05
CA ASP B 191 12.79 -12.15 -7.61
C ASP B 191 13.39 -13.10 -6.57
N GLU B 192 13.90 -12.57 -5.47
CA GLU B 192 14.43 -13.43 -4.41
C GLU B 192 13.33 -14.24 -3.71
N ILE B 193 12.16 -13.64 -3.46
CA ILE B 193 11.02 -14.37 -2.86
C ILE B 193 10.71 -15.63 -3.69
N LEU B 194 10.65 -15.46 -5.01
CA LEU B 194 10.37 -16.61 -5.88
C LEU B 194 11.44 -17.69 -5.81
N GLU B 195 12.69 -17.27 -5.57
N GLU B 195 12.69 -17.30 -5.56
CA GLU B 195 13.83 -18.18 -5.42
CA GLU B 195 13.76 -18.28 -5.45
C GLU B 195 13.75 -18.95 -4.10
C GLU B 195 13.86 -18.89 -4.05
N LEU B 196 13.10 -18.34 -3.12
CA LEU B 196 13.15 -18.80 -1.71
C LEU B 196 11.98 -19.69 -1.27
N VAL B 197 11.06 -19.99 -2.17
CA VAL B 197 9.92 -20.86 -1.85
C VAL B 197 10.07 -22.20 -2.60
N PRO B 198 9.78 -23.33 -1.94
CA PRO B 198 9.97 -24.66 -2.55
C PRO B 198 9.14 -24.88 -3.81
N LYS B 199 7.92 -24.37 -3.81
CA LYS B 199 6.98 -24.60 -4.91
C LYS B 199 6.27 -23.30 -5.26
N PRO B 200 6.80 -22.56 -6.23
CA PRO B 200 6.25 -21.24 -6.60
C PRO B 200 4.74 -21.21 -6.82
N ASN B 201 4.18 -22.22 -7.49
CA ASN B 201 2.76 -22.14 -7.75
C ASN B 201 1.87 -22.41 -6.54
N VAL B 202 2.33 -23.27 -5.63
CA VAL B 202 1.68 -23.42 -4.34
C VAL B 202 1.69 -22.08 -3.56
N PHE B 203 2.86 -21.43 -3.56
CA PHE B 203 3.03 -20.12 -2.96
C PHE B 203 2.09 -19.08 -3.59
N ARG B 204 2.01 -19.06 -4.92
CA ARG B 204 1.14 -18.05 -5.57
C ARG B 204 -0.33 -18.17 -5.20
N ILE B 205 -0.86 -19.39 -5.21
CA ILE B 205 -2.24 -19.63 -4.80
C ILE B 205 -2.48 -19.25 -3.34
N ALA B 206 -1.61 -19.71 -2.45
CA ALA B 206 -1.71 -19.33 -1.02
C ALA B 206 -1.72 -17.80 -0.81
N LEU B 207 -0.79 -17.13 -1.49
CA LEU B 207 -0.69 -15.68 -1.41
C LEU B 207 -1.92 -14.98 -1.99
N ARG B 208 -2.43 -15.47 -3.12
CA ARG B 208 -3.69 -14.90 -3.64
C ARG B 208 -4.81 -14.96 -2.60
N ALA B 209 -4.88 -16.07 -1.87
CA ALA B 209 -5.88 -16.26 -0.83
C ALA B 209 -5.63 -15.31 0.34
N ILE B 210 -4.36 -15.16 0.76
CA ILE B 210 -4.05 -14.24 1.86
C ILE B 210 -4.34 -12.78 1.47
N LYS B 211 -4.04 -12.43 0.22
CA LYS B 211 -4.32 -11.06 -0.25
C LYS B 211 -5.82 -10.79 -0.20
N LEU B 212 -6.63 -11.74 -0.68
CA LEU B 212 -8.09 -11.59 -0.66
C LEU B 212 -8.61 -11.50 0.78
N TRP B 213 -8.16 -12.45 1.60
CA TRP B 213 -8.54 -12.50 3.00
C TRP B 213 -8.20 -11.17 3.72
N ALA B 214 -6.95 -10.72 3.55
CA ALA B 214 -6.48 -9.52 4.26
C ALA B 214 -7.25 -8.28 3.82
N GLN B 215 -7.53 -8.19 2.52
CA GLN B 215 -8.37 -7.11 2.00
C GLN B 215 -9.78 -7.12 2.65
N ARG B 216 -10.42 -8.28 2.60
CA ARG B 216 -11.77 -8.47 3.12
C ARG B 216 -11.87 -8.14 4.61
N ARG B 217 -10.87 -8.61 5.37
CA ARG B 217 -10.82 -8.41 6.82
C ARG B 217 -10.27 -7.04 7.25
N ALA B 218 -9.94 -6.19 6.26
CA ALA B 218 -9.40 -4.84 6.48
C ALA B 218 -8.11 -4.85 7.30
N VAL B 219 -7.20 -5.76 6.96
CA VAL B 219 -5.86 -5.76 7.56
C VAL B 219 -4.78 -5.66 6.47
N TYR B 220 -5.06 -4.88 5.44
CA TYR B 220 -4.20 -4.73 4.28
C TYR B 220 -4.16 -3.25 3.90
N ALA B 221 -3.06 -2.59 4.22
CA ALA B 221 -2.75 -1.19 3.86
C ALA B 221 -1.51 -0.74 4.62
N ASN B 222 -0.37 -0.78 3.94
CA ASN B 222 0.87 -0.33 4.56
C ASN B 222 0.77 1.10 5.10
N ILE B 223 0.13 1.96 4.32
CA ILE B 223 0.07 3.37 4.70
C ILE B 223 -0.63 3.57 6.06
N PHE B 224 -1.60 2.72 6.39
CA PHE B 224 -2.34 2.85 7.64
C PHE B 224 -1.86 1.96 8.79
N GLY B 225 -0.71 1.30 8.62
CA GLY B 225 -0.14 0.49 9.70
C GLY B 225 -0.47 -1.00 9.66
N PHE B 226 -1.03 -1.47 8.54
CA PHE B 226 -1.24 -2.92 8.32
C PHE B 226 -0.23 -3.43 7.29
N PRO B 227 0.01 -4.74 7.21
CA PRO B 227 0.96 -5.23 6.22
C PRO B 227 0.43 -4.94 4.82
N GLY B 228 1.34 -4.60 3.91
CA GLY B 228 0.97 -4.47 2.51
C GLY B 228 1.33 -5.74 1.75
N GLY B 229 1.35 -5.62 0.43
CA GLY B 229 1.59 -6.77 -0.45
C GLY B 229 2.88 -7.53 -0.18
N VAL B 230 4.00 -6.83 0.02
CA VAL B 230 5.28 -7.56 0.14
C VAL B 230 5.38 -8.24 1.51
N ALA B 231 4.86 -7.58 2.54
CA ALA B 231 4.86 -8.16 3.89
C ALA B 231 4.00 -9.45 3.90
N TRP B 232 2.81 -9.37 3.34
CA TRP B 232 1.97 -10.55 3.21
C TRP B 232 2.66 -11.64 2.37
N ALA B 233 3.34 -11.24 1.28
CA ALA B 233 4.06 -12.21 0.43
C ALA B 233 5.14 -12.95 1.21
N MET B 234 5.93 -12.20 1.99
CA MET B 234 7.03 -12.80 2.73
C MET B 234 6.53 -13.69 3.87
N LEU B 235 5.44 -13.29 4.51
CA LEU B 235 4.81 -14.13 5.53
C LEU B 235 4.34 -15.47 4.95
N VAL B 236 3.67 -15.42 3.81
CA VAL B 236 3.24 -16.63 3.13
C VAL B 236 4.47 -17.45 2.71
N ALA B 237 5.50 -16.77 2.19
CA ALA B 237 6.72 -17.46 1.74
C ALA B 237 7.33 -18.27 2.89
N ARG B 238 7.37 -17.68 4.09
CA ARG B 238 7.94 -18.37 5.26
C ARG B 238 7.18 -19.66 5.59
N ILE B 239 5.86 -19.61 5.55
CA ILE B 239 5.05 -20.82 5.81
C ILE B 239 5.33 -21.88 4.71
N CYS B 240 5.42 -21.43 3.46
CA CYS B 240 5.78 -22.33 2.32
C CYS B 240 7.10 -23.06 2.58
N GLN B 241 8.08 -22.34 3.10
CA GLN B 241 9.37 -22.95 3.40
C GLN B 241 9.22 -24.03 4.46
N LEU B 242 8.33 -23.81 5.42
CA LEU B 242 8.17 -24.70 6.58
C LEU B 242 7.37 -25.96 6.26
N TYR B 243 6.59 -25.89 5.17
CA TYR B 243 5.74 -27.01 4.73
C TYR B 243 5.94 -27.21 3.22
N PRO B 244 7.13 -27.68 2.82
CA PRO B 244 7.52 -27.66 1.41
C PRO B 244 6.68 -28.57 0.48
N ASN B 245 5.99 -29.55 1.04
CA ASN B 245 5.18 -30.50 0.25
C ASN B 245 3.67 -30.35 0.45
N ALA B 246 3.27 -29.34 1.22
CA ALA B 246 1.85 -29.11 1.49
C ALA B 246 1.15 -28.45 0.31
N CYS B 247 -0.17 -28.60 0.26
CA CYS B 247 -0.98 -27.88 -0.72
C CYS B 247 -1.26 -26.48 -0.19
N SER B 248 -1.64 -25.55 -1.08
CA SER B 248 -1.96 -24.18 -0.66
C SER B 248 -3.01 -24.11 0.45
N ALA B 249 -4.05 -24.93 0.38
CA ALA B 249 -5.11 -24.89 1.38
C ALA B 249 -4.54 -25.17 2.78
N VAL B 250 -3.63 -26.14 2.85
CA VAL B 250 -2.99 -26.49 4.12
C VAL B 250 -2.04 -25.38 4.57
N ILE B 251 -1.30 -24.81 3.63
CA ILE B 251 -0.48 -23.65 3.95
C ILE B 251 -1.31 -22.55 4.61
N LEU B 252 -2.53 -22.30 4.15
CA LEU B 252 -3.39 -21.29 4.81
C LEU B 252 -3.67 -21.60 6.28
N ASN B 253 -4.09 -22.83 6.55
CA ASN B 253 -4.33 -23.28 7.93
C ASN B 253 -3.07 -23.09 8.79
N ARG B 254 -1.93 -23.58 8.33
CA ARG B 254 -0.66 -23.46 9.04
C ARG B 254 -0.16 -22.02 9.19
N PHE B 255 -0.38 -21.19 8.16
CA PHE B 255 -0.13 -19.74 8.20
C PHE B 255 -0.84 -19.15 9.43
N PHE B 256 -2.13 -19.41 9.58
CA PHE B 256 -2.84 -18.82 10.72
C PHE B 256 -2.35 -19.38 12.06
N ILE B 257 -2.09 -20.67 12.12
CA ILE B 257 -1.61 -21.29 13.39
C ILE B 257 -0.24 -20.74 13.78
N ILE B 258 0.72 -20.84 12.86
CA ILE B 258 2.10 -20.46 13.14
CA ILE B 258 2.12 -20.45 13.08
C ILE B 258 2.24 -18.97 13.47
N LEU B 259 1.53 -18.12 12.72
CA LEU B 259 1.66 -16.70 12.94
C LEU B 259 0.89 -16.20 14.17
N SER B 260 -0.19 -16.89 14.53
CA SER B 260 -0.86 -16.60 15.80
C SER B 260 -0.03 -17.08 17.00
N GLU B 261 0.77 -18.13 16.83
CA GLU B 261 1.57 -18.69 17.94
C GLU B 261 2.95 -18.03 18.03
N TRP B 262 3.33 -17.30 17.00
CA TRP B 262 4.64 -16.67 16.85
C TRP B 262 4.98 -15.74 18.02
N ASN B 263 6.22 -15.83 18.51
CA ASN B 263 6.71 -14.99 19.61
CA ASN B 263 6.66 -14.98 19.62
C ASN B 263 7.14 -13.60 19.13
N TRP B 264 6.19 -12.78 18.71
CA TRP B 264 6.50 -11.41 18.28
C TRP B 264 7.17 -10.72 19.48
N PRO B 265 8.19 -9.88 19.27
CA PRO B 265 8.66 -9.40 17.97
C PRO B 265 9.79 -10.17 17.29
N GLN B 266 9.98 -11.46 17.56
CA GLN B 266 10.95 -12.27 16.79
CA GLN B 266 11.02 -12.11 16.81
C GLN B 266 10.69 -12.05 15.29
N PRO B 267 11.72 -11.76 14.50
CA PRO B 267 11.52 -11.45 13.07
C PRO B 267 11.23 -12.63 12.16
N VAL B 268 10.43 -12.36 11.13
CA VAL B 268 10.23 -13.31 10.05
C VAL B 268 11.30 -13.05 9.00
N ILE B 269 12.16 -14.04 8.78
CA ILE B 269 13.30 -13.90 7.87
C ILE B 269 13.33 -15.10 6.91
N LEU B 270 13.50 -14.84 5.62
CA LEU B 270 13.44 -15.87 4.58
C LEU B 270 14.80 -16.46 4.19
N LYS B 271 15.87 -15.79 4.57
CA LYS B 271 17.22 -16.24 4.23
C LYS B 271 18.19 -15.49 5.15
N PRO B 272 19.36 -16.05 5.43
CA PRO B 272 20.30 -15.37 6.34
C PRO B 272 20.55 -13.93 5.91
N ILE B 273 20.46 -13.00 6.86
CA ILE B 273 20.68 -11.59 6.57
C ILE B 273 22.14 -11.36 6.17
N GLU B 274 22.35 -10.83 4.96
CA GLU B 274 23.68 -10.61 4.41
C GLU B 274 24.38 -9.42 5.06
N ASP B 275 25.65 -9.63 5.43
CA ASP B 275 26.50 -8.56 5.95
C ASP B 275 27.10 -7.75 4.80
N GLY B 276 27.32 -6.48 5.04
CA GLY B 276 27.95 -5.61 4.06
C GLY B 276 29.05 -4.80 4.70
N PRO B 277 29.64 -3.88 3.93
CA PRO B 277 30.64 -2.94 4.48
C PRO B 277 29.98 -2.03 5.52
N LEU B 278 30.77 -1.47 6.45
CA LEU B 278 30.20 -0.67 7.55
C LEU B 278 29.45 0.58 7.08
N GLN B 279 29.55 0.87 5.78
CA GLN B 279 28.85 2.02 5.20
CA GLN B 279 28.88 1.98 5.10
C GLN B 279 27.37 1.74 4.96
N VAL B 280 26.98 0.46 4.92
CA VAL B 280 25.62 0.07 4.56
C VAL B 280 24.77 -0.33 5.77
N ARG B 281 23.55 0.20 5.84
CA ARG B 281 22.65 -0.08 6.93
C ARG B 281 21.77 -1.31 6.65
N VAL B 282 21.81 -2.25 7.58
CA VAL B 282 20.97 -3.44 7.51
C VAL B 282 20.10 -3.48 8.78
N TRP B 283 18.89 -4.05 8.69
CA TRP B 283 18.03 -4.22 9.85
C TRP B 283 18.82 -4.92 10.97
N ASN B 284 18.86 -4.27 12.13
CA ASN B 284 19.59 -4.78 13.28
C ASN B 284 19.11 -4.11 14.57
N PRO B 285 18.22 -4.78 15.30
CA PRO B 285 17.61 -4.21 16.51
C PRO B 285 18.62 -4.04 17.66
N LYS B 286 19.80 -4.62 17.52
CA LYS B 286 20.88 -4.51 18.51
CA LYS B 286 20.80 -4.46 18.56
C LYS B 286 21.62 -3.19 18.38
N ILE B 287 21.67 -2.67 17.17
CA ILE B 287 22.39 -1.41 16.89
C ILE B 287 21.42 -0.23 16.81
N TYR B 288 20.24 -0.46 16.24
CA TYR B 288 19.30 0.62 15.96
C TYR B 288 18.06 0.53 16.82
N ALA B 289 17.87 1.54 17.67
CA ALA B 289 16.69 1.63 18.53
C ALA B 289 15.39 1.55 17.72
N GLN B 290 15.38 2.17 16.53
CA GLN B 290 14.23 2.13 15.63
C GLN B 290 13.83 0.70 15.25
N ASP B 291 14.81 -0.15 14.96
CA ASP B 291 14.56 -1.55 14.57
C ASP B 291 14.05 -2.37 15.73
N ARG B 292 14.55 -2.04 16.93
CA ARG B 292 14.12 -2.66 18.16
C ARG B 292 12.64 -2.38 18.44
N SER B 293 12.13 -1.29 17.87
CA SER B 293 10.74 -0.89 18.06
C SER B 293 9.76 -1.61 17.12
N HIS B 294 10.27 -2.29 16.10
CA HIS B 294 9.38 -2.98 15.16
C HIS B 294 8.62 -4.10 15.89
N ARG B 295 7.30 -4.01 15.87
CA ARG B 295 6.42 -4.90 16.64
C ARG B 295 6.22 -6.30 16.04
N MET B 296 6.24 -6.36 14.71
CA MET B 296 6.00 -7.63 14.00
C MET B 296 6.88 -7.64 12.76
N PRO B 297 8.21 -7.74 12.95
CA PRO B 297 9.17 -7.49 11.86
C PRO B 297 9.13 -8.59 10.80
N VAL B 298 9.06 -8.17 9.55
CA VAL B 298 9.07 -9.07 8.41
C VAL B 298 10.16 -8.50 7.50
N ILE B 299 11.24 -9.25 7.34
CA ILE B 299 12.48 -8.71 6.83
C ILE B 299 12.71 -9.10 5.37
N THR B 300 13.01 -8.11 4.53
CA THR B 300 13.25 -8.39 3.09
C THR B 300 14.53 -9.20 2.91
N PRO B 301 14.55 -10.14 1.97
CA PRO B 301 15.74 -10.94 1.70
C PRO B 301 16.86 -10.21 0.95
N ALA B 302 16.52 -9.22 0.12
CA ALA B 302 17.50 -8.57 -0.74
C ALA B 302 18.42 -7.65 0.04
N TYR B 303 19.71 -7.82 -0.17
CA TYR B 303 20.73 -6.95 0.43
C TYR B 303 20.56 -5.50 -0.05
N PRO B 304 20.52 -4.52 0.85
CA PRO B 304 20.50 -4.73 2.32
C PRO B 304 19.10 -4.95 2.91
N SER B 305 18.98 -5.94 3.77
CA SER B 305 17.68 -6.32 4.36
C SER B 305 17.09 -5.16 5.15
N MET B 306 15.78 -4.95 4.97
CA MET B 306 15.04 -3.93 5.71
CA MET B 306 15.07 -3.96 5.78
C MET B 306 13.75 -4.53 6.27
N CYS B 307 13.11 -3.85 7.22
CA CYS B 307 11.82 -4.29 7.72
C CYS B 307 10.67 -3.76 6.87
N ALA B 308 9.84 -4.68 6.36
CA ALA B 308 8.68 -4.32 5.55
C ALA B 308 7.41 -3.95 6.35
N THR B 309 7.51 -3.92 7.69
CA THR B 309 6.34 -3.62 8.54
C THR B 309 6.61 -2.56 9.62
N HIS B 310 7.49 -1.63 9.29
CA HIS B 310 7.78 -0.50 10.19
C HIS B 310 6.54 0.21 10.72
N ASN B 311 5.49 0.30 9.90
CA ASN B 311 4.27 1.06 10.23
C ASN B 311 3.32 0.38 11.23
N ILE B 312 3.53 -0.90 11.53
CA ILE B 312 2.64 -1.61 12.44
C ILE B 312 2.70 -0.96 13.85
N THR B 313 1.52 -0.69 14.40
CA THR B 313 1.36 -0.07 15.73
C THR B 313 0.85 -1.10 16.73
N GLU B 314 0.74 -0.69 18.00
CA GLU B 314 0.20 -1.62 18.99
CA GLU B 314 0.17 -1.56 19.04
C GLU B 314 -1.22 -2.03 18.63
N SER B 315 -2.06 -1.07 18.22
CA SER B 315 -3.44 -1.35 17.87
C SER B 315 -3.53 -2.25 16.65
N THR B 316 -2.77 -1.94 15.59
CA THR B 316 -2.91 -2.74 14.39
C THR B 316 -2.35 -4.13 14.61
N LYS B 317 -1.30 -4.27 15.41
CA LYS B 317 -0.83 -5.59 15.86
C LYS B 317 -1.96 -6.41 16.48
N LYS B 318 -2.70 -5.81 17.41
CA LYS B 318 -3.77 -6.52 18.08
C LYS B 318 -4.83 -7.01 17.10
N VAL B 319 -5.18 -6.14 16.14
CA VAL B 319 -6.15 -6.48 15.10
C VAL B 319 -5.66 -7.61 14.20
N ILE B 320 -4.42 -7.54 13.75
CA ILE B 320 -3.81 -8.59 12.91
C ILE B 320 -3.87 -9.94 13.65
N LEU B 321 -3.49 -9.94 14.92
CA LEU B 321 -3.52 -11.17 15.73
CA LEU B 321 -3.53 -11.15 15.76
C LEU B 321 -4.94 -11.75 15.93
N GLN B 322 -5.92 -10.88 16.22
CA GLN B 322 -7.36 -11.25 16.27
C GLN B 322 -7.75 -12.00 15.00
N GLU B 323 -7.31 -11.47 13.86
CA GLU B 323 -7.66 -12.01 12.56
C GLU B 323 -6.95 -13.32 12.29
N PHE B 324 -5.71 -13.44 12.74
CA PHE B 324 -5.03 -14.74 12.67
C PHE B 324 -5.81 -15.81 13.45
N VAL B 325 -6.20 -15.48 14.68
CA VAL B 325 -6.98 -16.38 15.55
C VAL B 325 -8.30 -16.83 14.88
N ARG B 326 -9.01 -15.88 14.28
CA ARG B 326 -10.19 -16.16 13.48
C ARG B 326 -9.85 -17.11 12.32
N GLY B 327 -8.72 -16.87 11.66
CA GLY B 327 -8.27 -17.69 10.55
C GLY B 327 -8.06 -19.14 10.97
N VAL B 328 -7.42 -19.33 12.14
CA VAL B 328 -7.23 -20.65 12.72
C VAL B 328 -8.58 -21.35 12.89
N GLN B 329 -9.55 -20.65 13.50
CA GLN B 329 -10.84 -21.26 13.79
C GLN B 329 -11.57 -21.64 12.51
N ILE B 330 -11.58 -20.73 11.54
CA ILE B 330 -12.31 -20.98 10.30
C ILE B 330 -11.64 -22.03 9.42
N THR B 331 -10.32 -21.93 9.20
CA THR B 331 -9.66 -22.98 8.42
C THR B 331 -9.79 -24.37 9.08
N ASN B 332 -9.66 -24.46 10.41
CA ASN B 332 -9.90 -25.75 11.07
C ASN B 332 -11.30 -26.28 10.72
N ASP B 333 -12.30 -25.38 10.78
CA ASP B 333 -13.69 -25.73 10.47
C ASP B 333 -13.88 -26.14 9.02
N ILE B 334 -13.16 -25.50 8.11
CA ILE B 334 -13.19 -25.89 6.71
C ILE B 334 -12.63 -27.31 6.54
N PHE B 335 -11.49 -27.59 7.17
CA PHE B 335 -10.86 -28.92 7.10
C PHE B 335 -11.63 -30.01 7.86
N SER B 336 -12.57 -29.59 8.72
CA SER B 336 -13.43 -30.53 9.41
C SER B 336 -14.84 -30.52 8.80
N ASN B 337 -14.93 -29.97 7.57
CA ASN B 337 -16.15 -30.00 6.76
C ASN B 337 -17.34 -29.24 7.37
N LYS B 338 -17.05 -28.23 8.19
CA LYS B 338 -18.06 -27.42 8.87
C LYS B 338 -18.28 -26.03 8.27
N LYS B 339 -17.27 -25.50 7.60
CA LYS B 339 -17.35 -24.17 7.00
C LYS B 339 -16.81 -24.19 5.57
N SER B 340 -16.99 -23.07 4.85
CA SER B 340 -16.60 -22.97 3.45
C SER B 340 -15.48 -21.94 3.29
N TRP B 341 -14.82 -21.94 2.14
CA TRP B 341 -13.83 -20.89 1.86
C TRP B 341 -14.48 -19.51 1.90
N ALA B 342 -15.71 -19.43 1.39
CA ALA B 342 -16.50 -18.19 1.48
C ALA B 342 -16.56 -17.62 2.89
N ASN B 343 -16.72 -18.50 3.89
CA ASN B 343 -16.74 -18.03 5.28
C ASN B 343 -15.42 -17.33 5.69
N LEU B 344 -14.30 -17.86 5.22
CA LEU B 344 -12.99 -17.26 5.55
C LEU B 344 -12.86 -15.85 4.98
N PHE B 345 -13.37 -15.67 3.76
CA PHE B 345 -13.28 -14.41 3.03
C PHE B 345 -14.42 -13.42 3.30
N GLU B 346 -15.22 -13.68 4.33
CA GLU B 346 -16.30 -12.76 4.67
C GLU B 346 -15.81 -11.37 5.05
N LYS B 347 -16.55 -10.37 4.59
CA LYS B 347 -16.20 -8.97 4.79
C LYS B 347 -16.15 -8.58 6.27
N ASN B 348 -15.20 -7.70 6.61
CA ASN B 348 -15.09 -7.11 7.94
C ASN B 348 -16.38 -6.38 8.35
N ASP B 349 -16.52 -6.14 9.65
CA ASP B 349 -17.63 -5.33 10.16
C ASP B 349 -17.14 -4.12 10.96
N PHE B 350 -16.08 -3.49 10.44
CA PHE B 350 -15.46 -2.33 11.08
C PHE B 350 -16.45 -1.27 11.57
N PHE B 351 -17.42 -0.93 10.74
CA PHE B 351 -18.32 0.18 11.05
C PHE B 351 -19.52 -0.23 11.93
N PHE B 352 -19.48 -1.47 12.41
CA PHE B 352 -20.48 -2.01 13.35
C PHE B 352 -19.90 -2.34 14.72
N ARG B 353 -18.58 -2.49 14.78
CA ARG B 353 -17.94 -3.12 15.94
C ARG B 353 -17.52 -2.17 17.05
N TYR B 354 -17.43 -0.87 16.75
CA TYR B 354 -17.10 0.13 17.77
C TYR B 354 -18.28 1.06 18.07
N LYS B 355 -18.30 1.59 19.29
CA LYS B 355 -19.28 2.59 19.71
C LYS B 355 -18.95 3.97 19.16
N PHE B 356 -17.65 4.24 19.01
CA PHE B 356 -17.13 5.58 18.72
C PHE B 356 -16.10 5.54 17.59
N TYR B 357 -16.10 6.58 16.75
CA TYR B 357 -15.16 6.67 15.64
C TYR B 357 -14.62 8.10 15.55
N LEU B 358 -13.34 8.21 15.23
CA LEU B 358 -12.77 9.51 14.91
C LEU B 358 -12.69 9.62 13.40
N GLU B 359 -13.31 10.68 12.87
CA GLU B 359 -13.44 10.90 11.45
C GLU B 359 -12.45 11.99 11.04
N ILE B 360 -11.61 11.70 10.05
CA ILE B 360 -10.56 12.63 9.60
C ILE B 360 -10.82 13.03 8.15
N THR B 361 -11.13 14.31 7.91
CA THR B 361 -11.50 14.75 6.56
C THR B 361 -10.53 15.79 6.03
N ALA B 362 -9.94 15.49 4.86
CA ALA B 362 -9.15 16.45 4.13
C ALA B 362 -10.06 17.05 3.05
N TYR B 363 -10.14 18.38 3.02
CA TYR B 363 -10.96 19.11 2.08
C TYR B 363 -10.05 19.89 1.11
N THR B 364 -10.45 19.95 -0.15
CA THR B 364 -9.76 20.76 -1.14
C THR B 364 -10.77 21.44 -2.05
N ARG B 365 -10.72 22.77 -2.10
CA ARG B 365 -11.48 23.52 -3.08
C ARG B 365 -10.49 23.96 -4.14
N GLY B 366 -10.34 23.14 -5.18
CA GLY B 366 -9.28 23.34 -6.16
C GLY B 366 -9.31 22.25 -7.21
N SER B 367 -8.15 21.91 -7.75
CA SER B 367 -8.07 20.87 -8.78
C SER B 367 -8.02 19.47 -8.16
N ASP B 368 -8.31 18.45 -8.97
CA ASP B 368 -8.23 17.06 -8.51
C ASP B 368 -6.80 16.71 -8.10
N GLU B 369 -5.83 17.23 -8.85
CA GLU B 369 -4.41 17.05 -8.52
C GLU B 369 -4.05 17.68 -7.16
N GLN B 370 -4.53 18.89 -6.89
CA GLN B 370 -4.33 19.50 -5.58
C GLN B 370 -4.92 18.65 -4.49
N HIS B 371 -6.10 18.08 -4.71
CA HIS B 371 -6.70 17.22 -3.69
C HIS B 371 -5.91 15.95 -3.47
N LEU B 372 -5.44 15.34 -4.56
CA LEU B 372 -4.59 14.16 -4.45
C LEU B 372 -3.35 14.40 -3.60
N LYS B 373 -2.69 15.54 -3.80
CA LYS B 373 -1.54 15.94 -2.99
C LYS B 373 -1.87 16.13 -1.51
N TRP B 374 -2.83 17.01 -1.24
CA TRP B 374 -3.26 17.28 0.15
C TRP B 374 -3.80 16.03 0.85
N SER B 375 -4.77 15.34 0.24
CA SER B 375 -5.36 14.15 0.86
C SER B 375 -4.31 13.02 1.05
N GLY B 376 -3.39 12.90 0.11
CA GLY B 376 -2.28 11.93 0.21
C GLY B 376 -1.38 12.22 1.41
N LEU B 377 -1.07 13.49 1.62
CA LEU B 377 -0.24 13.90 2.74
CA LEU B 377 -0.25 13.91 2.75
C LEU B 377 -0.92 13.53 4.06
N VAL B 378 -2.18 13.93 4.20
CA VAL B 378 -2.96 13.69 5.42
C VAL B 378 -3.08 12.18 5.68
N GLU B 379 -3.44 11.44 4.63
CA GLU B 379 -3.57 9.99 4.72
CA GLU B 379 -3.57 9.99 4.68
C GLU B 379 -2.30 9.34 5.23
N SER B 380 -1.15 9.82 4.76
CA SER B 380 0.16 9.29 5.16
C SER B 380 0.49 9.51 6.64
N LYS B 381 -0.20 10.44 7.30
CA LYS B 381 0.07 10.76 8.71
C LYS B 381 -0.91 10.13 9.69
N VAL B 382 -1.96 9.50 9.17
CA VAL B 382 -3.01 8.92 10.02
C VAL B 382 -2.45 7.93 11.05
N ARG B 383 -1.50 7.10 10.62
CA ARG B 383 -0.87 6.15 11.56
C ARG B 383 -0.16 6.84 12.73
N LEU B 384 0.39 8.03 12.49
CA LEU B 384 0.99 8.83 13.59
C LEU B 384 -0.05 9.23 14.65
N LEU B 385 -1.27 9.52 14.19
CA LEU B 385 -2.37 9.83 15.11
C LEU B 385 -2.77 8.58 15.88
N VAL B 386 -2.85 7.46 15.16
CA VAL B 386 -3.14 6.16 15.78
C VAL B 386 -2.17 5.87 16.92
N MET B 387 -0.89 6.12 16.68
CA MET B 387 0.15 5.85 17.67
C MET B 387 0.05 6.78 18.87
N LYS B 388 -0.32 8.02 18.62
CA LYS B 388 -0.47 9.00 19.71
C LYS B 388 -1.67 8.65 20.57
N LEU B 389 -2.76 8.25 19.93
CA LEU B 389 -3.98 7.85 20.61
C LEU B 389 -3.82 6.57 21.45
N GLU B 390 -3.19 5.56 20.86
CA GLU B 390 -3.10 4.24 21.49
C GLU B 390 -2.26 4.19 22.77
N VAL B 391 -1.43 5.21 23.01
CA VAL B 391 -0.65 5.29 24.26
C VAL B 391 -1.37 6.06 25.39
N LEU B 392 -2.52 6.66 25.08
CA LEU B 392 -3.30 7.36 26.10
C LEU B 392 -3.92 6.35 27.06
N ALA B 393 -3.79 6.63 28.36
CA ALA B 393 -4.24 5.68 29.39
C ALA B 393 -5.68 5.18 29.16
N GLY B 394 -6.57 6.09 28.81
CA GLY B 394 -7.97 5.74 28.62
C GLY B 394 -8.34 5.04 27.33
N ILE B 395 -7.37 4.85 26.43
CA ILE B 395 -7.65 4.20 25.14
C ILE B 395 -7.27 2.71 25.12
N LYS B 396 -8.25 1.87 24.84
CA LYS B 396 -8.04 0.43 24.72
C LYS B 396 -7.54 0.05 23.33
N ILE B 397 -8.10 0.68 22.31
CA ILE B 397 -7.61 0.52 20.93
C ILE B 397 -7.92 1.75 20.09
N ALA B 398 -7.01 2.05 19.16
CA ALA B 398 -7.27 3.05 18.11
C ALA B 398 -7.01 2.32 16.78
N HIS B 399 -8.09 1.94 16.13
CA HIS B 399 -8.06 1.00 15.00
C HIS B 399 -8.36 1.75 13.69
N PRO B 400 -7.35 1.99 12.85
CA PRO B 400 -7.57 2.70 11.58
C PRO B 400 -8.20 1.78 10.54
N PHE B 401 -9.22 2.27 9.82
CA PHE B 401 -9.76 1.54 8.66
C PHE B 401 -8.74 1.70 7.53
N THR B 402 -8.83 0.85 6.50
CA THR B 402 -7.76 0.74 5.53
C THR B 402 -7.96 1.45 4.21
N LYS B 403 -9.09 2.14 4.05
N LYS B 403 -9.10 2.14 4.07
CA LYS B 403 -9.32 2.92 2.84
CA LYS B 403 -9.44 2.87 2.85
C LYS B 403 -10.09 4.21 3.11
C LYS B 403 -10.04 4.24 3.20
N PRO B 404 -9.67 5.29 2.47
CA PRO B 404 -10.39 6.57 2.55
C PRO B 404 -11.73 6.50 1.81
N PHE B 405 -12.65 7.36 2.20
CA PHE B 405 -13.89 7.50 1.48
C PHE B 405 -13.81 8.80 0.72
N GLU B 406 -13.99 8.73 -0.60
CA GLU B 406 -13.86 9.90 -1.46
C GLU B 406 -15.22 10.44 -1.85
N SER B 407 -15.36 11.75 -1.78
CA SER B 407 -16.54 12.40 -2.32
C SER B 407 -16.19 13.78 -2.87
N SER B 408 -17.01 14.28 -3.79
CA SER B 408 -16.83 15.64 -4.28
C SER B 408 -18.17 16.35 -4.44
N TYR B 409 -18.12 17.68 -4.36
CA TYR B 409 -19.29 18.54 -4.37
C TYR B 409 -19.13 19.66 -5.39
N CYS B 410 -20.22 20.04 -6.05
CA CYS B 410 -20.24 21.30 -6.82
C CYS B 410 -20.12 22.46 -5.85
N CYS B 411 -19.16 23.35 -6.10
CA CYS B 411 -18.82 24.39 -5.13
C CYS B 411 -18.47 25.75 -5.78
N PRO B 412 -19.48 26.41 -6.36
CA PRO B 412 -19.29 27.67 -7.09
C PRO B 412 -18.62 28.82 -6.33
N THR B 413 -18.91 28.96 -5.03
CA THR B 413 -18.45 30.14 -4.27
C THR B 413 -17.65 29.79 -3.02
N GLU B 414 -16.95 30.80 -2.49
CA GLU B 414 -16.24 30.71 -1.22
C GLU B 414 -17.18 30.29 -0.09
N ASP B 415 -18.39 30.86 -0.10
CA ASP B 415 -19.44 30.55 0.90
C ASP B 415 -19.89 29.09 0.89
N ASP B 416 -20.08 28.54 -0.32
CA ASP B 416 -20.39 27.12 -0.50
C ASP B 416 -19.32 26.21 0.12
N TYR B 417 -18.05 26.57 -0.06
CA TYR B 417 -16.95 25.80 0.51
C TYR B 417 -17.00 25.78 2.05
N GLU B 418 -17.30 26.94 2.64
CA GLU B 418 -17.48 27.03 4.09
C GLU B 418 -18.69 26.20 4.55
N MET B 419 -19.74 26.17 3.75
CA MET B 419 -20.91 25.35 4.05
C MET B 419 -20.60 23.84 4.04
N ILE B 420 -19.82 23.40 3.06
CA ILE B 420 -19.44 21.99 2.97
C ILE B 420 -18.66 21.55 4.21
N GLN B 421 -17.76 22.40 4.70
CA GLN B 421 -16.98 22.10 5.91
C GLN B 421 -17.86 22.01 7.15
N ASP B 422 -19.02 22.65 7.11
CA ASP B 422 -19.98 22.62 8.20
C ASP B 422 -20.76 21.30 8.25
N LYS B 423 -21.39 20.93 7.14
CA LYS B 423 -22.42 19.89 7.15
C LYS B 423 -21.93 18.44 7.04
N TYR B 424 -20.70 18.24 6.54
CA TYR B 424 -20.22 16.89 6.26
C TYR B 424 -19.75 16.11 7.49
N GLY B 425 -20.02 14.81 7.48
CA GLY B 425 -19.44 13.89 8.46
C GLY B 425 -20.42 13.34 9.48
N SER B 426 -21.66 13.80 9.40
CA SER B 426 -22.72 13.38 10.31
C SER B 426 -23.96 13.01 9.52
N HIS B 427 -24.52 11.83 9.80
CA HIS B 427 -25.78 11.39 9.17
C HIS B 427 -26.93 12.36 9.47
N LYS B 428 -26.85 13.05 10.62
CA LYS B 428 -27.81 14.09 10.99
C LYS B 428 -27.85 15.24 9.98
N THR B 429 -26.68 15.64 9.49
CA THR B 429 -26.56 16.85 8.68
C THR B 429 -26.25 16.59 7.19
N GLU B 430 -25.90 15.34 6.85
CA GLU B 430 -25.38 15.01 5.52
C GLU B 430 -26.37 15.16 4.36
N THR B 431 -27.66 15.05 4.65
CA THR B 431 -28.72 15.22 3.65
C THR B 431 -28.80 16.67 3.15
N ALA B 432 -28.38 17.61 3.99
CA ALA B 432 -28.34 19.04 3.66
C ALA B 432 -27.24 19.39 2.65
N LEU B 433 -26.22 18.53 2.56
CA LEU B 433 -25.13 18.70 1.61
C LEU B 433 -25.60 18.50 0.17
N ASN B 434 -26.59 17.63 -0.01
CA ASN B 434 -27.25 17.46 -1.30
C ASN B 434 -28.28 18.58 -1.52
N ALA B 435 -28.55 18.96 -2.77
CA ALA B 435 -27.99 18.35 -3.97
C ALA B 435 -26.79 19.11 -4.55
N LEU B 436 -25.71 19.19 -3.78
CA LEU B 436 -24.43 19.68 -4.28
C LEU B 436 -23.52 18.48 -4.57
N LYS B 437 -23.89 17.34 -4.00
CA LYS B 437 -23.09 16.11 -4.08
CA LYS B 437 -23.11 16.10 -4.07
C LYS B 437 -23.03 15.53 -5.50
N LEU B 438 -21.83 15.09 -5.89
CA LEU B 438 -21.63 14.43 -7.17
CA LEU B 438 -21.62 14.42 -7.17
C LEU B 438 -21.85 12.92 -7.03
N VAL B 439 -22.70 12.38 -7.90
CA VAL B 439 -23.01 10.96 -7.90
C VAL B 439 -22.72 10.34 -9.26
N THR B 440 -22.55 9.01 -9.29
CA THR B 440 -22.36 8.28 -10.55
C THR B 440 -23.62 8.41 -11.42
N ASP B 441 -24.71 8.83 -10.79
CA ASP B 441 -25.97 9.11 -11.46
C ASP B 441 -25.91 10.39 -12.30
N GLU B 442 -25.41 11.47 -11.70
CA GLU B 442 -25.46 12.78 -12.37
C GLU B 442 -24.09 13.43 -12.67
N ASN B 443 -23.01 12.68 -12.44
CA ASN B 443 -21.65 13.18 -12.66
C ASN B 443 -21.36 13.59 -14.10
N GLU B 445 -21.06 13.49 -17.22
CA GLU B 445 -22.23 13.38 -18.07
C GLU B 445 -23.12 14.63 -18.02
N GLU B 446 -23.63 14.98 -16.83
CA GLU B 446 -24.46 16.19 -16.70
C GLU B 446 -23.59 17.43 -16.79
N GLU B 447 -23.83 18.26 -17.81
CA GLU B 447 -22.94 19.36 -18.16
C GLU B 447 -22.67 20.31 -17.00
N SER B 448 -23.74 20.70 -16.30
CA SER B 448 -23.62 21.61 -15.16
C SER B 448 -22.74 21.04 -14.05
N ILE B 449 -22.86 19.73 -13.83
CA ILE B 449 -22.10 19.04 -12.77
C ILE B 449 -20.64 18.91 -13.18
N LYS B 450 -20.39 18.45 -14.40
CA LYS B 450 -19.02 18.28 -14.85
C LYS B 450 -18.25 19.59 -14.89
N ASP B 451 -18.94 20.66 -15.30
CA ASP B 451 -18.32 21.97 -15.47
C ASP B 451 -18.10 22.76 -14.17
N ALA B 452 -18.85 22.44 -13.12
CA ALA B 452 -18.78 23.19 -11.86
C ALA B 452 -17.43 23.07 -11.18
N PRO B 453 -16.97 24.13 -10.49
CA PRO B 453 -15.81 24.01 -9.63
C PRO B 453 -16.19 22.96 -8.58
N LYS B 454 -15.23 22.13 -8.15
CA LYS B 454 -15.49 21.10 -7.15
C LYS B 454 -14.82 21.37 -5.80
N ALA B 455 -15.45 20.90 -4.73
CA ALA B 455 -14.76 20.72 -3.44
C ALA B 455 -14.63 19.21 -3.24
N TYR B 456 -13.41 18.76 -2.96
CA TYR B 456 -13.14 17.31 -2.81
C TYR B 456 -12.94 16.97 -1.35
N LEU B 457 -13.40 15.78 -0.95
CA LEU B 457 -13.25 15.28 0.42
C LEU B 457 -12.67 13.87 0.40
N SER B 458 -11.68 13.63 1.27
CA SER B 458 -11.20 12.29 1.56
C SER B 458 -11.31 12.12 3.06
N THR B 459 -12.08 11.12 3.49
CA THR B 459 -12.34 10.86 4.90
C THR B 459 -11.82 9.51 5.36
N MET B 460 -11.06 9.53 6.45
CA MET B 460 -10.52 8.31 7.08
CA MET B 460 -10.59 8.29 7.06
C MET B 460 -11.14 8.14 8.46
N TYR B 461 -11.29 6.89 8.90
CA TYR B 461 -11.90 6.59 10.19
C TYR B 461 -10.94 5.82 11.09
N ILE B 462 -10.92 6.19 12.38
CA ILE B 462 -10.27 5.39 13.41
C ILE B 462 -11.35 4.93 14.39
N GLY B 463 -11.48 3.62 14.55
CA GLY B 463 -12.40 3.03 15.53
C GLY B 463 -11.82 3.17 16.92
N LEU B 464 -12.67 3.58 17.87
CA LEU B 464 -12.18 3.80 19.23
C LEU B 464 -12.90 2.92 20.26
N ASP B 465 -12.10 2.32 21.14
CA ASP B 465 -12.59 1.55 22.29
C ASP B 465 -11.86 2.11 23.50
N PHE B 466 -12.61 2.45 24.55
CA PHE B 466 -12.04 3.14 25.71
C PHE B 466 -11.90 2.25 26.96
N ASN B 467 -10.87 2.54 27.76
CA ASN B 467 -10.71 2.00 29.12
C ASN B 467 -11.39 2.93 30.13
N ILE B 468 -12.71 2.81 30.27
CA ILE B 468 -13.45 3.71 31.18
C ILE B 468 -14.51 2.97 31.99
N LYS B 474 -15.50 10.64 30.28
CA LYS B 474 -14.99 10.81 28.92
C LYS B 474 -13.47 10.98 28.91
N VAL B 475 -12.83 10.28 27.98
CA VAL B 475 -11.39 10.37 27.80
C VAL B 475 -11.08 11.58 26.93
N ASP B 476 -10.15 12.43 27.40
CA ASP B 476 -9.72 13.61 26.67
C ASP B 476 -8.71 13.18 25.60
N ILE B 477 -9.07 13.37 24.33
CA ILE B 477 -8.16 13.01 23.23
C ILE B 477 -7.62 14.22 22.47
N HIS B 478 -7.69 15.40 23.08
CA HIS B 478 -7.35 16.65 22.40
C HIS B 478 -5.88 16.76 22.01
N ILE B 479 -5.00 16.24 22.84
CA ILE B 479 -3.57 16.39 22.59
C ILE B 479 -3.13 15.68 21.27
N PRO B 480 -3.39 14.37 21.12
CA PRO B 480 -3.12 13.70 19.85
C PRO B 480 -3.81 14.35 18.65
N CYS B 481 -5.09 14.68 18.79
CA CYS B 481 -5.84 15.33 17.73
C CYS B 481 -5.29 16.68 17.29
N THR B 482 -4.89 17.50 18.27
CA THR B 482 -4.37 18.85 17.99
C THR B 482 -3.00 18.75 17.33
N GLU B 483 -2.16 17.85 17.87
CA GLU B 483 -0.84 17.55 17.30
CA GLU B 483 -0.85 17.61 17.29
C GLU B 483 -0.98 17.21 15.83
N PHE B 484 -1.92 16.30 15.53
CA PHE B 484 -2.17 15.85 14.17
C PHE B 484 -2.56 17.00 13.24
N VAL B 485 -3.53 17.79 13.69
CA VAL B 485 -4.02 18.93 12.91
C VAL B 485 -2.86 19.86 12.49
N ASN B 486 -2.08 20.27 13.49
CA ASN B 486 -0.95 21.17 13.29
C ASN B 486 0.20 20.55 12.51
N LEU B 487 0.42 19.26 12.72
CA LEU B 487 1.47 18.52 12.02
C LEU B 487 1.25 18.48 10.51
N CYS B 488 0.01 18.27 10.09
CA CYS B 488 -0.32 18.21 8.67
C CYS B 488 -0.16 19.55 7.96
N ARG B 489 -0.48 20.64 8.67
CA ARG B 489 -0.43 22.00 8.13
C ARG B 489 0.96 22.43 7.67
N SER B 490 1.99 21.91 8.32
CA SER B 490 3.36 22.35 8.11
C SER B 490 4.14 21.46 7.12
N PHE B 491 3.61 21.27 5.91
CA PHE B 491 4.33 20.51 4.88
C PHE B 491 4.32 21.13 3.46
N ASN B 492 4.93 22.31 3.28
CA ASN B 492 5.47 23.11 4.36
C ASN B 492 4.57 24.32 4.52
N GLU B 493 4.54 25.16 3.49
CA GLU B 493 3.60 26.26 3.38
C GLU B 493 2.67 25.98 2.21
N ASP B 494 2.89 24.84 1.56
CA ASP B 494 2.14 24.45 0.36
C ASP B 494 0.62 24.30 0.60
N TYR B 495 0.24 24.11 1.87
CA TYR B 495 -1.16 23.83 2.24
C TYR B 495 -1.73 24.77 3.30
N GLY B 496 -1.10 25.93 3.49
CA GLY B 496 -1.51 26.86 4.54
C GLY B 496 -2.69 27.74 4.19
N ASP B 497 -3.07 27.75 2.91
CA ASP B 497 -4.16 28.58 2.42
C ASP B 497 -5.52 27.94 2.70
N HIS B 498 -6.20 28.43 3.74
CA HIS B 498 -7.48 27.89 4.15
C HIS B 498 -8.61 28.11 3.14
N LYS B 499 -8.38 28.95 2.12
CA LYS B 499 -9.39 29.13 1.07
C LYS B 499 -9.41 27.95 0.11
N VAL B 500 -8.34 27.13 0.15
CA VAL B 500 -8.33 25.94 -0.69
C VAL B 500 -8.21 24.63 0.11
N PHE B 501 -7.30 24.56 1.07
CA PHE B 501 -7.12 23.32 1.86
C PHE B 501 -7.58 23.41 3.30
N ASN B 502 -8.38 22.43 3.72
CA ASN B 502 -8.79 22.30 5.12
C ASN B 502 -8.69 20.87 5.66
N LEU B 503 -8.66 20.77 6.99
CA LEU B 503 -8.64 19.47 7.64
C LEU B 503 -9.47 19.55 8.92
N ALA B 504 -10.39 18.61 9.07
CA ALA B 504 -11.26 18.57 10.24
C ALA B 504 -11.27 17.18 10.85
N LEU B 505 -11.21 17.14 12.16
CA LEU B 505 -11.40 15.89 12.92
C LEU B 505 -12.73 15.94 13.67
N ARG B 506 -13.50 14.86 13.57
CA ARG B 506 -14.83 14.79 14.15
C ARG B 506 -15.00 13.49 14.94
N PHE B 507 -15.39 13.60 16.21
CA PHE B 507 -15.77 12.43 17.01
C PHE B 507 -17.22 12.05 16.70
N VAL B 508 -17.44 10.81 16.25
CA VAL B 508 -18.77 10.36 15.84
CA VAL B 508 -18.76 10.34 15.81
C VAL B 508 -19.15 9.02 16.48
N LYS B 509 -20.37 8.96 17.01
CA LYS B 509 -20.91 7.72 17.55
C LYS B 509 -21.41 6.83 16.40
N GLY B 510 -21.37 5.51 16.61
CA GLY B 510 -21.72 4.53 15.58
C GLY B 510 -23.00 4.78 14.80
N TYR B 511 -24.06 5.14 15.50
CA TYR B 511 -25.37 5.35 14.84
C TYR B 511 -25.47 6.64 14.02
N ASP B 512 -24.49 7.54 14.15
CA ASP B 512 -24.47 8.76 13.36
CA ASP B 512 -24.45 8.79 13.40
C ASP B 512 -23.42 8.75 12.25
N LEU B 513 -22.91 7.55 11.93
CA LEU B 513 -21.93 7.40 10.85
C LEU B 513 -22.57 7.71 9.49
N PRO B 514 -21.83 8.38 8.61
CA PRO B 514 -22.33 8.63 7.25
C PRO B 514 -22.78 7.36 6.52
N ASP B 515 -23.75 7.52 5.61
CA ASP B 515 -24.25 6.43 4.76
C ASP B 515 -23.18 5.81 3.87
N GLU B 516 -22.24 6.66 3.41
CA GLU B 516 -21.13 6.24 2.56
CA GLU B 516 -21.10 6.26 2.60
C GLU B 516 -20.46 4.96 3.08
N VAL B 517 -20.38 4.86 4.40
CA VAL B 517 -19.68 3.84 5.14
C VAL B 517 -20.33 2.44 5.08
N PHE B 518 -21.60 2.39 4.70
CA PHE B 518 -22.35 1.14 4.65
C PHE B 518 -22.69 0.78 3.21
N ASP B 519 -22.43 -0.48 2.84
CA ASP B 519 -22.70 -0.94 1.48
CA ASP B 519 -22.70 -0.98 1.50
C ASP B 519 -24.18 -1.29 1.30
N GLU B 520 -24.56 -1.62 0.06
CA GLU B 520 -25.96 -1.92 -0.30
C GLU B 520 -26.60 -2.99 0.59
N ASN B 521 -25.84 -4.06 0.86
CA ASN B 521 -26.32 -5.19 1.66
C ASN B 521 -26.47 -4.88 3.15
N GLU B 522 -25.80 -3.82 3.60
CA GLU B 522 -25.71 -3.49 5.02
C GLU B 522 -26.71 -2.40 5.44
N LYS B 523 -27.04 -2.39 6.73
CA LYS B 523 -27.93 -1.36 7.27
C LYS B 523 -27.40 -0.78 8.59
N ARG B 524 -27.37 0.55 8.64
CA ARG B 524 -27.07 1.36 9.82
C ARG B 524 -27.46 0.73 11.16
N PRO B 525 -26.54 0.76 12.14
CA PRO B 525 -26.84 0.31 13.50
C PRO B 525 -27.75 1.29 14.26
#